data_3HNS
#
_entry.id   3HNS
#
_cell.length_a   146.725
_cell.length_b   96.234
_cell.length_c   36.065
_cell.angle_alpha   90.00
_cell.angle_beta   102.35
_cell.angle_gamma   90.00
#
_symmetry.space_group_name_H-M   'C 1 2 1'
#
loop_
_entity.id
_entity.type
_entity.pdbx_description
1 polymer 'CS-35 Fab Heavy Chain'
2 polymer 'CS-35 Fab Light Chain'
3 branched 'beta-D-arabinofuranose-(1-2)-alpha-D-arabinofuranose-(1-3)-[beta-D-arabinofuranose-(1-2)-alpha-D-arabinofuranose-(1-5)]alpha-D-arabinofuranose-(1-5)-methyl alpha-D-arabinofuranoside'
4 water water
#
loop_
_entity_poly.entity_id
_entity_poly.type
_entity_poly.pdbx_seq_one_letter_code
_entity_poly.pdbx_strand_id
1 'polypeptide(L)'
;EVQLQQSGTVLARPGTSVKMSCKASGYSFTNYWMHWVKQRPGQGLEWIGSIYPGNSDTNYKQKFKGKAKLTAVTSASTAY
MEVNSLTNEDSAVYYCTRFGNYVPFAYWGQGTLVTVSAATTTAPSVYPLVPGCSDTSGSSVTLGCLVKGYFPEPVTVKWN
YGALSSGVRTVSSVLQSGFYSLSSLVTVPSSTWPSQTVICNVAHPASKTELIKRIEPRIP
;
H
2 'polypeptide(L)'
;DIQMTQTTSSLSASLGDRVTIGCRASQDIGSYLNWYQQKPDGAVRLLIYYTSRLHSGVPSRFSGSGSGTHFSLTISNLEQ
EDIGTYFCHQDTKPPYTFGSGTKLEIKRADAAPTVSIFPPSSEQLTSGGASVVCFLNNFYPKDINVKWKIDGSERQNGVL
NSWTDQDSKDSTYSMSSTLTLTKDEYERHNSYTCEATHKTSTSPIVKSFNRNEC
;
L
#
# COMPACT_ATOMS: atom_id res chain seq x y z
N GLU A 1 0.58 -24.90 -1.58
CA GLU A 1 1.52 -25.96 -1.10
C GLU A 1 2.97 -25.46 -1.10
N VAL A 2 3.42 -24.90 -2.23
CA VAL A 2 4.69 -24.17 -2.24
C VAL A 2 4.46 -22.85 -1.51
N GLN A 3 5.31 -22.58 -0.53
CA GLN A 3 5.30 -21.31 0.19
C GLN A 3 6.71 -20.77 0.38
N LEU A 4 6.81 -19.45 0.30
CA LEU A 4 8.06 -18.75 0.58
C LEU A 4 7.77 -17.71 1.66
N GLN A 5 8.28 -17.97 2.85
CA GLN A 5 8.02 -17.13 4.02
C GLN A 5 9.23 -16.30 4.36
N GLN A 6 9.10 -14.99 4.17
CA GLN A 6 10.19 -14.05 4.41
C GLN A 6 10.14 -13.45 5.81
N SER A 7 11.31 -13.08 6.34
CA SER A 7 11.41 -12.47 7.66
C SER A 7 10.73 -11.09 7.73
N GLY A 8 10.53 -10.58 8.94
CA GLY A 8 9.78 -9.34 9.17
C GLY A 8 10.54 -8.07 8.84
N THR A 9 9.87 -6.93 8.97
CA THR A 9 10.49 -5.62 8.68
C THR A 9 11.73 -5.34 9.52
N VAL A 10 12.67 -4.60 8.94
CA VAL A 10 13.92 -4.25 9.62
C VAL A 10 14.21 -2.77 9.48
N LEU A 11 14.54 -2.14 10.61
CA LEU A 11 15.11 -0.80 10.63
C LEU A 11 16.62 -0.93 10.89
N ALA A 12 17.41 -0.25 10.06
CA ALA A 12 18.87 -0.32 10.18
C ALA A 12 19.52 1.04 9.94
N ARG A 13 20.58 1.32 10.69
CA ARG A 13 21.34 2.56 10.55
C ARG A 13 22.19 2.55 9.29
N PRO A 14 22.46 3.74 8.72
CA PRO A 14 23.37 3.79 7.56
C PRO A 14 24.75 3.18 7.88
N GLY A 15 25.28 2.41 6.93
CA GLY A 15 26.62 1.83 7.07
C GLY A 15 26.63 0.45 7.69
N THR A 16 25.51 0.05 8.28
CA THR A 16 25.39 -1.26 8.89
C THR A 16 24.96 -2.29 7.86
N SER A 17 24.77 -3.52 8.28
CA SER A 17 24.27 -4.55 7.38
C SER A 17 22.98 -5.19 7.91
N VAL A 18 22.18 -5.73 7.00
CA VAL A 18 21.00 -6.52 7.36
C VAL A 18 21.06 -7.88 6.69
N LYS A 19 20.57 -8.90 7.39
CA LYS A 19 20.42 -10.25 6.83
C LYS A 19 18.98 -10.70 6.96
N MET A 20 18.35 -10.96 5.82
CA MET A 20 16.95 -11.36 5.78
C MET A 20 16.82 -12.80 5.28
N SER A 21 15.69 -13.44 5.62
CA SER A 21 15.51 -14.86 5.35
C SER A 21 14.29 -15.16 4.50
N CYS A 22 14.35 -16.28 3.80
CA CYS A 22 13.26 -16.74 2.95
C CYS A 22 13.14 -18.24 3.14
N LYS A 23 12.18 -18.66 3.97
CA LYS A 23 12.00 -20.08 4.26
C LYS A 23 11.05 -20.73 3.27
N ALA A 24 11.53 -21.79 2.63
CA ALA A 24 10.78 -22.49 1.59
C ALA A 24 10.16 -23.78 2.14
N SER A 25 8.93 -24.05 1.70
CA SER A 25 8.24 -25.28 2.05
C SER A 25 7.40 -25.76 0.87
N GLY A 26 7.08 -27.05 0.87
CA GLY A 26 6.20 -27.64 -0.13
C GLY A 26 6.89 -28.08 -1.40
N TYR A 27 8.22 -28.08 -1.40
CA TYR A 27 9.00 -28.55 -2.55
C TYR A 27 10.43 -28.88 -2.11
N SER A 28 11.20 -29.50 -3.00
CA SER A 28 12.58 -29.81 -2.68
C SER A 28 13.48 -28.59 -2.86
N PHE A 29 13.81 -27.98 -1.72
CA PHE A 29 14.56 -26.73 -1.65
C PHE A 29 15.81 -26.70 -2.54
N THR A 30 16.55 -27.81 -2.56
CA THR A 30 17.85 -27.84 -3.26
C THR A 30 17.76 -28.00 -4.77
N ASN A 31 16.54 -28.15 -5.31
CA ASN A 31 16.38 -28.43 -6.75
C ASN A 31 15.85 -27.25 -7.59
N TYR A 32 15.78 -26.06 -6.99
CA TYR A 32 15.30 -24.86 -7.68
C TYR A 32 16.14 -23.62 -7.35
N TRP A 33 16.43 -22.79 -8.35
CA TRP A 33 17.09 -21.50 -8.12
C TRP A 33 16.17 -20.57 -7.33
N MET A 34 16.73 -19.93 -6.31
CA MET A 34 16.03 -18.88 -5.56
C MET A 34 16.60 -17.53 -5.94
N HIS A 35 15.72 -16.63 -6.40
CA HIS A 35 16.11 -15.30 -6.84
C HIS A 35 15.66 -14.23 -5.84
N TRP A 36 16.34 -13.09 -5.89
CA TRP A 36 16.01 -11.94 -5.05
C TRP A 36 15.77 -10.70 -5.90
N VAL A 37 14.72 -9.95 -5.53
CA VAL A 37 14.25 -8.82 -6.31
C VAL A 37 14.04 -7.63 -5.36
N LYS A 38 14.44 -6.44 -5.82
CA LYS A 38 14.34 -5.21 -5.05
C LYS A 38 13.26 -4.30 -5.62
N GLN A 39 12.33 -3.85 -4.77
CA GLN A 39 11.32 -2.88 -5.17
C GLN A 39 11.45 -1.61 -4.35
N ARG A 40 12.01 -0.60 -4.99
CA ARG A 40 12.12 0.72 -4.38
C ARG A 40 11.07 1.61 -5.04
N PRO A 41 10.33 2.41 -4.25
CA PRO A 41 9.27 3.24 -4.84
C PRO A 41 9.81 4.16 -5.93
N GLY A 42 9.19 4.10 -7.11
CA GLY A 42 9.64 4.86 -8.28
C GLY A 42 10.85 4.27 -8.99
N GLN A 43 11.19 3.03 -8.66
CA GLN A 43 12.32 2.34 -9.31
C GLN A 43 11.91 0.96 -9.85
N GLY A 44 10.60 0.76 -10.02
CA GLY A 44 10.07 -0.51 -10.54
C GLY A 44 10.60 -1.72 -9.79
N LEU A 45 11.04 -2.73 -10.55
CA LEU A 45 11.64 -3.92 -9.97
C LEU A 45 13.06 -4.13 -10.50
N GLU A 46 13.93 -4.59 -9.60
CA GLU A 46 15.33 -4.77 -9.96
C GLU A 46 15.80 -6.14 -9.49
N TRP A 47 16.36 -6.91 -10.43
CA TRP A 47 16.93 -8.21 -10.13
C TRP A 47 18.28 -8.05 -9.43
N ILE A 48 18.46 -8.73 -8.31
CA ILE A 48 19.72 -8.70 -7.56
C ILE A 48 20.64 -9.87 -7.91
N GLY A 49 20.07 -11.08 -7.86
CA GLY A 49 20.83 -12.31 -8.09
C GLY A 49 20.04 -13.56 -7.74
N SER A 50 20.70 -14.70 -7.88
CA SER A 50 20.08 -15.99 -7.55
C SER A 50 21.09 -16.98 -7.00
N ILE A 51 20.56 -18.02 -6.35
CA ILE A 51 21.37 -19.08 -5.76
C ILE A 51 20.71 -20.44 -6.03
N TYR A 52 21.53 -21.44 -6.34
CA TYR A 52 21.08 -22.82 -6.44
C TYR A 52 21.55 -23.56 -5.19
N PRO A 53 20.63 -23.80 -4.23
CA PRO A 53 20.97 -24.37 -2.92
C PRO A 53 21.61 -25.76 -2.97
N GLY A 54 21.37 -26.50 -4.05
CA GLY A 54 21.94 -27.84 -4.22
C GLY A 54 23.47 -27.88 -4.24
N ASN A 55 24.08 -26.88 -4.85
CA ASN A 55 25.55 -26.81 -4.98
C ASN A 55 26.12 -25.44 -4.60
N SER A 56 25.26 -24.56 -4.11
CA SER A 56 25.64 -23.22 -3.60
C SER A 56 26.10 -22.26 -4.69
N ASP A 57 25.85 -22.60 -5.96
CA ASP A 57 26.19 -21.70 -7.06
C ASP A 57 25.36 -20.43 -7.00
N THR A 58 26.01 -19.29 -7.24
CA THR A 58 25.35 -17.99 -7.20
C THR A 58 25.65 -17.20 -8.46
N ASN A 59 24.72 -16.31 -8.81
CA ASN A 59 25.02 -15.24 -9.74
C ASN A 59 24.42 -13.93 -9.26
N TYR A 60 24.91 -12.83 -9.84
CA TYR A 60 24.59 -11.50 -9.36
C TYR A 60 24.51 -10.55 -10.54
N LYS A 61 23.62 -9.56 -10.43
CA LYS A 61 23.71 -8.39 -11.29
C LYS A 61 25.00 -7.69 -10.84
N GLN A 62 25.79 -7.21 -11.80
CA GLN A 62 27.14 -6.69 -11.51
C GLN A 62 27.21 -5.71 -10.33
N LYS A 63 26.27 -4.78 -10.28
CA LYS A 63 26.25 -3.74 -9.24
C LYS A 63 26.10 -4.27 -7.80
N PHE A 64 25.52 -5.47 -7.65
CA PHE A 64 25.31 -6.06 -6.33
C PHE A 64 26.43 -6.97 -5.84
N LYS A 65 27.43 -7.22 -6.70
CA LYS A 65 28.61 -7.98 -6.29
C LYS A 65 29.32 -7.21 -5.19
N GLY A 66 29.45 -7.83 -4.03
CA GLY A 66 30.08 -7.20 -2.87
C GLY A 66 29.14 -6.33 -2.06
N LYS A 67 27.91 -6.17 -2.53
CA LYS A 67 26.89 -5.36 -1.85
C LYS A 67 25.83 -6.24 -1.18
N ALA A 68 25.32 -7.20 -1.94
CA ALA A 68 24.39 -8.21 -1.44
C ALA A 68 25.07 -9.57 -1.51
N LYS A 69 24.86 -10.40 -0.49
CA LYS A 69 25.45 -11.73 -0.43
C LYS A 69 24.36 -12.75 -0.22
N LEU A 70 24.29 -13.72 -1.14
CA LEU A 70 23.27 -14.75 -1.10
C LEU A 70 23.82 -16.06 -0.54
N THR A 71 23.13 -16.60 0.46
CA THR A 71 23.47 -17.90 1.00
C THR A 71 22.23 -18.77 1.08
N ALA A 72 22.43 -20.04 1.41
CA ALA A 72 21.34 -20.98 1.64
C ALA A 72 21.77 -22.03 2.65
N VAL A 73 20.85 -22.42 3.52
CA VAL A 73 21.11 -23.49 4.48
C VAL A 73 20.11 -24.61 4.22
N THR A 74 20.62 -25.71 3.69
CA THR A 74 19.80 -26.87 3.31
C THR A 74 18.99 -27.44 4.48
N SER A 75 19.65 -27.61 5.63
CA SER A 75 19.00 -28.17 6.81
C SER A 75 17.79 -27.37 7.28
N ALA A 76 17.79 -26.07 6.97
CA ALA A 76 16.72 -25.17 7.39
C ALA A 76 15.77 -24.82 6.23
N SER A 77 16.09 -25.33 5.04
CA SER A 77 15.33 -25.06 3.82
C SER A 77 15.10 -23.54 3.68
N THR A 78 16.15 -22.76 3.93
CA THR A 78 16.05 -21.32 4.02
C THR A 78 17.15 -20.64 3.19
N ALA A 79 16.72 -19.68 2.38
CA ALA A 79 17.63 -18.83 1.63
C ALA A 79 17.80 -17.51 2.38
N TYR A 80 19.02 -16.96 2.33
CA TYR A 80 19.34 -15.68 3.00
C TYR A 80 19.94 -14.68 2.03
N MET A 81 19.68 -13.40 2.30
CA MET A 81 20.40 -12.31 1.65
C MET A 81 20.92 -11.33 2.70
N GLU A 82 22.21 -11.04 2.64
CA GLU A 82 22.84 -10.05 3.51
C GLU A 82 23.31 -8.84 2.70
N VAL A 83 22.77 -7.67 3.02
CA VAL A 83 23.11 -6.44 2.31
C VAL A 83 23.92 -5.53 3.23
N ASN A 84 25.13 -5.16 2.79
CA ASN A 84 26.04 -4.38 3.61
C ASN A 84 26.08 -2.92 3.20
N SER A 85 26.84 -2.12 3.96
CA SER A 85 27.07 -0.69 3.69
C SER A 85 25.78 0.07 3.36
N LEU A 86 24.79 -0.05 4.23
CA LEU A 86 23.44 0.43 3.90
C LEU A 86 23.34 1.94 3.73
N THR A 87 22.63 2.35 2.68
CA THR A 87 22.36 3.75 2.40
C THR A 87 20.85 3.92 2.30
N ASN A 88 20.37 5.16 2.22
CA ASN A 88 18.92 5.36 2.04
C ASN A 88 18.39 4.70 0.77
N GLU A 89 19.25 4.59 -0.24
CA GLU A 89 18.91 3.92 -1.51
C GLU A 89 18.65 2.43 -1.35
N ASP A 90 19.02 1.88 -0.19
CA ASP A 90 18.74 0.47 0.09
C ASP A 90 17.38 0.25 0.77
N SER A 91 16.72 1.35 1.16
CA SER A 91 15.35 1.26 1.65
C SER A 91 14.44 0.77 0.52
N ALA A 92 13.81 -0.37 0.75
CA ALA A 92 12.98 -1.02 -0.28
C ALA A 92 12.26 -2.24 0.29
N VAL A 93 11.34 -2.77 -0.50
CA VAL A 93 10.78 -4.09 -0.26
C VAL A 93 11.60 -5.10 -1.06
N TYR A 94 12.09 -6.13 -0.38
CA TYR A 94 12.89 -7.15 -1.04
C TYR A 94 12.12 -8.47 -1.07
N TYR A 95 11.98 -9.02 -2.27
CA TYR A 95 11.28 -10.29 -2.49
C TYR A 95 12.24 -11.42 -2.79
N CYS A 96 11.97 -12.59 -2.23
CA CYS A 96 12.54 -13.82 -2.75
C CYS A 96 11.51 -14.46 -3.68
N THR A 97 11.99 -15.15 -4.71
CA THR A 97 11.10 -15.79 -5.67
C THR A 97 11.77 -17.01 -6.28
N ARG A 98 10.99 -18.07 -6.52
CA ARG A 98 11.51 -19.32 -7.08
C ARG A 98 11.35 -19.36 -8.61
N PHE A 99 12.40 -19.80 -9.28
CA PHE A 99 12.43 -19.95 -10.74
C PHE A 99 12.27 -21.42 -11.10
N GLY A 100 11.57 -21.67 -12.21
CA GLY A 100 11.49 -23.04 -12.77
C GLY A 100 10.31 -23.86 -12.25
N ASN A 101 10.06 -25.03 -12.86
CA ASN A 101 10.75 -25.48 -14.07
C ASN A 101 9.87 -25.24 -15.29
N TYR A 102 10.48 -24.75 -16.37
CA TYR A 102 9.76 -24.40 -17.62
C TYR A 102 8.70 -23.31 -17.39
N VAL A 103 8.85 -22.61 -16.27
CA VAL A 103 8.14 -21.37 -15.96
C VAL A 103 9.17 -20.44 -15.30
N PRO A 104 8.93 -19.11 -15.33
CA PRO A 104 9.84 -18.18 -14.64
C PRO A 104 9.57 -18.05 -13.14
N PHE A 105 9.29 -16.84 -12.66
CA PHE A 105 9.04 -16.63 -11.22
C PHE A 105 7.61 -17.02 -10.80
N ALA A 106 7.41 -18.33 -10.64
CA ALA A 106 6.06 -18.86 -10.40
C ALA A 106 5.58 -18.67 -8.97
N TYR A 107 6.53 -18.56 -8.04
CA TYR A 107 6.23 -18.42 -6.61
C TYR A 107 7.03 -17.28 -5.97
N TRP A 108 6.34 -16.41 -5.26
CA TRP A 108 6.97 -15.24 -4.64
C TRP A 108 6.78 -15.24 -3.13
N GLY A 109 7.79 -14.76 -2.41
CA GLY A 109 7.64 -14.46 -0.98
C GLY A 109 6.76 -13.24 -0.83
N GLN A 110 6.42 -12.90 0.42
CA GLN A 110 5.52 -11.77 0.66
C GLN A 110 6.26 -10.42 0.66
N GLY A 111 7.61 -10.47 0.58
CA GLY A 111 8.43 -9.27 0.64
C GLY A 111 8.87 -8.91 2.05
N THR A 112 10.11 -8.43 2.18
CA THR A 112 10.63 -7.90 3.43
C THR A 112 10.92 -6.41 3.25
N LEU A 113 10.32 -5.58 4.09
CA LEU A 113 10.56 -4.14 4.06
C LEU A 113 11.80 -3.76 4.87
N VAL A 114 12.73 -3.09 4.21
CA VAL A 114 13.92 -2.56 4.88
C VAL A 114 13.83 -1.03 4.91
N THR A 115 13.99 -0.48 6.10
CA THR A 115 14.11 0.97 6.25
C THR A 115 15.50 1.29 6.76
N VAL A 116 16.25 2.05 5.97
CA VAL A 116 17.56 2.54 6.38
C VAL A 116 17.41 3.98 6.85
N SER A 117 17.70 4.21 8.13
CA SER A 117 17.56 5.53 8.75
C SER A 117 18.38 5.64 10.02
N ALA A 118 18.78 6.86 10.37
CA ALA A 118 19.42 7.12 11.65
C ALA A 118 18.37 7.36 12.75
N ALA A 119 17.12 7.57 12.35
CA ALA A 119 16.03 7.80 13.30
C ALA A 119 15.66 6.52 14.06
N THR A 120 15.41 6.66 15.37
CA THR A 120 15.02 5.52 16.19
C THR A 120 13.53 5.24 16.03
N THR A 121 13.12 4.06 16.50
CA THR A 121 11.73 3.64 16.45
C THR A 121 10.89 4.49 17.40
N THR A 122 9.71 4.87 16.92
CA THR A 122 8.75 5.64 17.68
C THR A 122 7.38 5.01 17.48
N ALA A 123 6.76 4.61 18.58
CA ALA A 123 5.43 4.00 18.55
C ALA A 123 4.38 5.07 18.23
N PRO A 124 3.29 4.67 17.56
CA PRO A 124 2.20 5.62 17.30
C PRO A 124 1.45 6.07 18.54
N SER A 125 0.95 7.31 18.50
CA SER A 125 -0.13 7.73 19.39
C SER A 125 -1.44 7.52 18.64
N VAL A 126 -2.44 7.01 19.34
CA VAL A 126 -3.73 6.70 18.72
C VAL A 126 -4.83 7.55 19.37
N TYR A 127 -5.65 8.19 18.53
CA TYR A 127 -6.78 8.97 19.04
C TYR A 127 -8.07 8.60 18.34
N PRO A 128 -9.19 8.59 19.10
CA PRO A 128 -10.46 8.22 18.49
C PRO A 128 -11.01 9.32 17.60
N LEU A 129 -11.71 8.89 16.56
CA LEU A 129 -12.46 9.79 15.68
C LEU A 129 -13.94 9.58 15.99
N VAL A 130 -14.52 10.55 16.70
CA VAL A 130 -15.89 10.45 17.18
C VAL A 130 -16.72 11.63 16.68
N PRO A 131 -17.93 11.36 16.15
CA PRO A 131 -18.81 12.42 15.67
C PRO A 131 -19.03 13.49 16.73
N GLY A 132 -19.13 14.74 16.30
CA GLY A 132 -19.37 15.86 17.21
C GLY A 132 -20.71 15.75 17.92
N CYS A 133 -20.84 16.47 19.03
CA CYS A 133 -22.06 16.48 19.84
C CYS A 133 -23.28 16.95 19.02
N SER A 134 -23.09 18.00 18.24
CA SER A 134 -24.15 18.56 17.40
C SER A 134 -24.06 18.05 15.96
N ASP A 135 -24.13 16.72 15.81
CA ASP A 135 -24.07 16.09 14.49
C ASP A 135 -25.42 15.48 14.13
N THR A 136 -25.76 15.55 12.84
CA THR A 136 -26.99 14.95 12.31
C THR A 136 -26.91 13.43 12.37
N SER A 137 -27.98 12.81 12.87
CA SER A 137 -28.03 11.36 13.04
C SER A 137 -28.29 10.61 11.72
N GLY A 138 -28.70 9.34 11.84
CA GLY A 138 -28.96 8.48 10.69
C GLY A 138 -28.70 7.02 10.99
N SER A 139 -29.22 6.14 10.13
CA SER A 139 -29.15 4.69 10.32
C SER A 139 -27.73 4.12 10.43
N SER A 140 -26.76 4.85 9.88
CA SER A 140 -25.36 4.46 9.99
C SER A 140 -24.53 5.56 10.66
N VAL A 141 -23.35 5.19 11.12
CA VAL A 141 -22.44 6.15 11.73
C VAL A 141 -21.00 5.83 11.32
N THR A 142 -20.20 6.86 11.11
CA THR A 142 -18.79 6.69 10.75
C THR A 142 -17.89 7.04 11.93
N LEU A 143 -17.06 6.06 12.31
CA LEU A 143 -16.14 6.17 13.42
C LEU A 143 -14.75 5.92 12.89
N GLY A 144 -13.73 6.24 13.70
CA GLY A 144 -12.37 6.04 13.26
C GLY A 144 -11.30 6.10 14.34
N CYS A 145 -10.06 5.92 13.89
CA CYS A 145 -8.88 6.09 14.71
C CYS A 145 -7.82 6.85 13.95
N LEU A 146 -7.32 7.91 14.57
CA LEU A 146 -6.19 8.67 14.03
C LEU A 146 -4.90 8.11 14.59
N VAL A 147 -3.97 7.77 13.72
CA VAL A 147 -2.70 7.12 14.11
C VAL A 147 -1.56 8.07 13.74
N LYS A 148 -0.87 8.57 14.76
CA LYS A 148 -0.02 9.75 14.60
C LYS A 148 1.43 9.56 15.09
N GLY A 149 2.38 10.11 14.33
CA GLY A 149 3.75 10.29 14.80
C GLY A 149 4.57 9.04 15.01
N TYR A 150 4.40 8.04 14.15
CA TYR A 150 5.18 6.80 14.28
C TYR A 150 6.34 6.73 13.28
N PHE A 151 7.31 5.87 13.60
CA PHE A 151 8.45 5.56 12.72
C PHE A 151 9.08 4.25 13.17
N PRO A 152 9.51 3.38 12.23
CA PRO A 152 9.33 3.45 10.78
C PRO A 152 8.00 2.82 10.37
N GLU A 153 7.83 2.57 9.08
CA GLU A 153 6.69 1.80 8.55
C GLU A 153 6.85 0.31 8.88
N PRO A 154 5.75 -0.48 8.83
CA PRO A 154 4.35 -0.09 8.62
C PRO A 154 3.53 -0.04 9.91
N VAL A 155 2.28 0.40 9.78
CA VAL A 155 1.27 0.23 10.80
C VAL A 155 0.09 -0.47 10.13
N THR A 156 -0.50 -1.44 10.83
CA THR A 156 -1.75 -2.06 10.38
C THR A 156 -2.86 -1.69 11.35
N VAL A 157 -4.05 -1.46 10.81
CA VAL A 157 -5.23 -1.22 11.63
C VAL A 157 -6.30 -2.25 11.30
N LYS A 158 -6.87 -2.83 12.34
CA LYS A 158 -8.02 -3.71 12.21
C LYS A 158 -9.10 -3.22 13.16
N TRP A 159 -10.33 -3.69 12.95
CA TRP A 159 -11.45 -3.31 13.82
C TRP A 159 -12.06 -4.53 14.48
N ASN A 160 -12.29 -4.42 15.79
CA ASN A 160 -12.75 -5.54 16.62
C ASN A 160 -11.96 -6.83 16.40
N TYR A 161 -10.63 -6.68 16.42
CA TYR A 161 -9.69 -7.79 16.28
C TYR A 161 -9.80 -8.53 14.95
N GLY A 162 -10.37 -7.84 13.95
CA GLY A 162 -10.56 -8.40 12.61
C GLY A 162 -11.98 -8.77 12.26
N ALA A 163 -12.86 -8.86 13.27
CA ALA A 163 -14.25 -9.26 13.07
C ALA A 163 -15.06 -8.23 12.28
N LEU A 164 -14.63 -6.97 12.34
CA LEU A 164 -15.26 -5.90 11.59
C LEU A 164 -14.37 -5.51 10.41
N SER A 165 -14.76 -5.95 9.22
CA SER A 165 -13.98 -5.71 8.00
C SER A 165 -14.79 -4.95 6.94
N SER A 166 -16.11 -5.06 7.03
CA SER A 166 -17.01 -4.39 6.09
C SER A 166 -17.15 -2.92 6.46
N GLY A 167 -17.06 -2.06 5.44
CA GLY A 167 -17.15 -0.61 5.63
C GLY A 167 -15.89 0.02 6.19
N VAL A 168 -14.78 -0.73 6.18
CA VAL A 168 -13.49 -0.23 6.67
C VAL A 168 -12.74 0.52 5.56
N ARG A 169 -12.23 1.69 5.89
CA ARG A 169 -11.45 2.51 4.95
C ARG A 169 -10.22 3.05 5.67
N THR A 170 -9.05 2.55 5.28
CA THR A 170 -7.78 2.98 5.86
C THR A 170 -6.96 3.65 4.78
N VAL A 171 -6.74 4.95 4.93
CA VAL A 171 -5.96 5.72 3.96
C VAL A 171 -4.47 5.38 4.08
N SER A 172 -3.74 5.67 3.00
CA SER A 172 -2.29 5.47 3.00
C SER A 172 -1.62 6.35 4.04
N SER A 173 -0.54 5.83 4.62
CA SER A 173 0.33 6.65 5.47
C SER A 173 0.88 7.86 4.71
N VAL A 174 1.15 8.92 5.44
CA VAL A 174 1.86 10.08 4.88
C VAL A 174 3.08 10.37 5.75
N LEU A 175 4.19 10.69 5.10
CA LEU A 175 5.42 11.07 5.78
C LEU A 175 5.50 12.59 5.89
N GLN A 176 5.66 13.08 7.11
CA GLN A 176 5.81 14.51 7.37
C GLN A 176 6.80 14.78 8.51
N SER A 177 7.78 15.64 8.22
CA SER A 177 8.81 16.01 9.19
C SER A 177 9.42 14.78 9.91
N GLY A 178 9.61 13.69 9.16
CA GLY A 178 10.31 12.52 9.66
C GLY A 178 9.45 11.44 10.28
N PHE A 179 8.15 11.72 10.42
CA PHE A 179 7.22 10.79 11.06
C PHE A 179 6.02 10.46 10.19
N TYR A 180 5.46 9.26 10.38
CA TYR A 180 4.29 8.82 9.63
C TYR A 180 2.98 9.00 10.40
N SER A 181 1.91 9.23 9.65
CA SER A 181 0.56 9.19 10.19
C SER A 181 -0.43 8.62 9.18
N LEU A 182 -1.50 8.03 9.70
CA LEU A 182 -2.59 7.55 8.84
C LEU A 182 -3.87 7.62 9.65
N SER A 183 -4.99 7.31 9.00
CA SER A 183 -6.27 7.21 9.69
C SER A 183 -7.10 6.06 9.12
N SER A 184 -7.87 5.42 9.98
CA SER A 184 -8.73 4.32 9.56
C SER A 184 -10.14 4.62 10.02
N LEU A 185 -11.09 4.45 9.12
CA LEU A 185 -12.48 4.76 9.43
C LEU A 185 -13.38 3.58 9.13
N VAL A 186 -14.45 3.46 9.89
CA VAL A 186 -15.42 2.40 9.68
C VAL A 186 -16.84 2.95 9.80
N THR A 187 -17.70 2.53 8.88
CA THR A 187 -19.12 2.88 8.96
C THR A 187 -19.89 1.65 9.42
N VAL A 188 -20.55 1.78 10.58
CA VAL A 188 -21.34 0.70 11.18
C VAL A 188 -22.77 1.15 11.46
N PRO A 189 -23.72 0.19 11.61
CA PRO A 189 -25.11 0.53 11.92
C PRO A 189 -25.28 1.25 13.25
N SER A 190 -26.25 2.16 13.31
CA SER A 190 -26.55 2.94 14.50
C SER A 190 -27.00 2.12 15.72
N SER A 191 -27.33 0.85 15.49
CA SER A 191 -27.72 -0.04 16.57
C SER A 191 -26.54 -0.90 17.06
N THR A 192 -25.42 -0.86 16.35
CA THR A 192 -24.19 -1.54 16.77
C THR A 192 -23.32 -0.60 17.62
N TRP A 193 -23.34 0.69 17.28
CA TRP A 193 -22.61 1.70 18.04
C TRP A 193 -23.51 2.88 18.41
N PRO A 194 -23.44 3.35 19.68
CA PRO A 194 -22.56 2.92 20.78
C PRO A 194 -22.96 1.67 21.57
N SER A 195 -23.85 0.84 21.01
CA SER A 195 -24.33 -0.37 21.71
C SER A 195 -23.21 -1.36 22.07
N GLN A 196 -22.34 -1.65 21.09
CA GLN A 196 -21.26 -2.62 21.26
C GLN A 196 -19.90 -1.93 21.31
N THR A 197 -18.93 -2.65 21.90
CA THR A 197 -17.52 -2.27 21.82
C THR A 197 -17.09 -2.20 20.37
N VAL A 198 -16.67 -1.01 19.95
CA VAL A 198 -15.97 -0.84 18.68
C VAL A 198 -14.55 -0.42 19.01
N ILE A 199 -13.62 -1.31 18.70
CA ILE A 199 -12.21 -1.11 19.00
C ILE A 199 -11.44 -1.08 17.71
N CYS A 200 -10.48 -0.16 17.61
CA CYS A 200 -9.48 -0.28 16.56
C CYS A 200 -8.21 -0.86 17.16
N ASN A 201 -7.65 -1.84 16.46
CA ASN A 201 -6.43 -2.49 16.86
C ASN A 201 -5.32 -1.93 16.01
N VAL A 202 -4.34 -1.28 16.65
CA VAL A 202 -3.24 -0.65 15.92
C VAL A 202 -1.95 -1.41 16.21
N ALA A 203 -1.36 -1.99 15.17
CA ALA A 203 -0.12 -2.72 15.32
C ALA A 203 1.03 -2.01 14.61
N HIS A 204 2.16 -1.91 15.30
CA HIS A 204 3.39 -1.33 14.76
C HIS A 204 4.54 -2.31 15.04
N PRO A 205 4.82 -3.20 14.06
CA PRO A 205 5.83 -4.27 14.17
C PRO A 205 7.21 -3.81 14.67
N ALA A 206 7.67 -2.64 14.20
CA ALA A 206 9.00 -2.15 14.55
C ALA A 206 9.19 -1.85 16.03
N SER A 207 8.13 -1.39 16.69
CA SER A 207 8.18 -1.14 18.13
C SER A 207 7.58 -2.30 18.92
N LYS A 208 7.15 -3.34 18.21
CA LYS A 208 6.48 -4.50 18.81
C LYS A 208 5.27 -4.09 19.66
N THR A 209 4.52 -3.12 19.16
CA THR A 209 3.37 -2.59 19.90
C THR A 209 2.05 -3.07 19.29
N GLU A 210 1.11 -3.43 20.16
CA GLU A 210 -0.23 -3.81 19.75
C GLU A 210 -1.25 -3.01 20.57
N LEU A 211 -1.73 -1.92 19.99
CA LEU A 211 -2.53 -0.95 20.72
C LEU A 211 -4.03 -1.13 20.46
N ILE A 212 -4.84 -0.79 21.46
CA ILE A 212 -6.29 -0.74 21.27
C ILE A 212 -6.88 0.63 21.60
N LYS A 213 -7.90 1.02 20.85
CA LYS A 213 -8.65 2.23 21.15
C LYS A 213 -10.14 1.97 21.07
N ARG A 214 -10.80 2.09 22.22
CA ARG A 214 -12.23 1.96 22.33
C ARG A 214 -12.86 3.25 21.80
N ILE A 215 -13.86 3.12 20.95
CA ILE A 215 -14.57 4.29 20.42
C ILE A 215 -15.85 4.48 21.23
N GLU A 216 -15.90 5.59 21.95
CA GLU A 216 -16.96 5.86 22.92
C GLU A 216 -17.56 7.23 22.66
N PRO A 217 -18.88 7.40 22.88
CA PRO A 217 -19.50 8.72 22.70
C PRO A 217 -18.79 9.81 23.50
N ARG A 218 -18.85 11.04 23.01
CA ARG A 218 -18.28 12.19 23.71
C ARG A 218 -18.94 12.43 25.06
N ILE A 219 -18.23 13.11 25.94
CA ILE A 219 -18.75 13.48 27.26
C ILE A 219 -19.88 14.50 27.13
N PRO A 220 -21.08 14.16 27.64
CA PRO A 220 -22.24 15.06 27.64
C PRO A 220 -22.08 16.23 28.59
N ASP B 1 22.76 -3.56 -19.98
CA ASP B 1 21.51 -4.33 -19.67
C ASP B 1 20.41 -4.06 -20.69
N ILE B 2 19.45 -4.98 -20.76
CA ILE B 2 18.29 -4.82 -21.61
C ILE B 2 17.27 -3.94 -20.89
N GLN B 3 17.00 -2.77 -21.45
CA GLN B 3 16.04 -1.86 -20.82
C GLN B 3 14.64 -2.27 -21.22
N MET B 4 13.80 -2.45 -20.21
CA MET B 4 12.39 -2.78 -20.40
C MET B 4 11.58 -1.52 -20.10
N THR B 5 10.77 -1.10 -21.06
CA THR B 5 10.00 0.13 -20.95
C THR B 5 8.52 -0.20 -21.10
N GLN B 6 7.70 0.24 -20.16
CA GLN B 6 6.26 0.05 -20.29
C GLN B 6 5.59 1.27 -20.90
N THR B 7 4.56 1.02 -21.71
CA THR B 7 3.95 2.06 -22.54
C THR B 7 3.47 3.26 -21.71
N THR B 8 2.82 2.97 -20.58
CA THR B 8 2.29 4.00 -19.70
C THR B 8 2.38 3.53 -18.25
N SER B 9 2.46 4.47 -17.32
CA SER B 9 2.62 4.12 -15.92
C SER B 9 1.27 3.86 -15.24
N SER B 10 0.21 4.42 -15.82
CA SER B 10 -1.14 4.23 -15.28
C SER B 10 -2.17 4.15 -16.40
N LEU B 11 -3.19 3.35 -16.16
CA LEU B 11 -4.26 3.11 -17.13
C LEU B 11 -5.59 3.00 -16.38
N SER B 12 -6.64 3.59 -16.97
CA SER B 12 -7.97 3.56 -16.40
C SER B 12 -8.95 3.09 -17.48
N ALA B 13 -9.70 2.03 -17.18
CA ALA B 13 -10.66 1.48 -18.15
C ALA B 13 -11.95 0.97 -17.49
N SER B 14 -13.02 0.89 -18.27
CA SER B 14 -14.33 0.49 -17.79
C SER B 14 -14.49 -1.03 -17.78
N LEU B 15 -15.33 -1.53 -16.87
CA LEU B 15 -15.65 -2.96 -16.83
C LEU B 15 -16.21 -3.42 -18.17
N GLY B 16 -15.78 -4.60 -18.62
CA GLY B 16 -16.24 -5.17 -19.89
C GLY B 16 -15.42 -4.78 -21.11
N ASP B 17 -14.62 -3.72 -20.99
CA ASP B 17 -13.81 -3.21 -22.11
C ASP B 17 -12.50 -3.98 -22.30
N ARG B 18 -11.93 -3.88 -23.50
CA ARG B 18 -10.63 -4.49 -23.81
C ARG B 18 -9.51 -3.58 -23.32
N VAL B 19 -8.55 -4.17 -22.61
CA VAL B 19 -7.45 -3.41 -22.01
C VAL B 19 -6.14 -3.99 -22.51
N THR B 20 -5.23 -3.11 -22.94
CA THR B 20 -3.90 -3.53 -23.39
C THR B 20 -2.85 -2.81 -22.57
N ILE B 21 -1.88 -3.58 -22.08
CA ILE B 21 -0.72 -3.05 -21.36
C ILE B 21 0.53 -3.43 -22.15
N GLY B 22 1.29 -2.41 -22.56
CA GLY B 22 2.43 -2.60 -23.44
C GLY B 22 3.78 -2.61 -22.76
N CYS B 23 4.72 -3.31 -23.38
CA CYS B 23 6.10 -3.38 -22.89
C CYS B 23 7.05 -3.45 -24.09
N ARG B 24 8.16 -2.75 -23.98
CA ARG B 24 9.16 -2.72 -25.05
C ARG B 24 10.56 -3.07 -24.51
N ALA B 25 11.30 -3.87 -25.28
CA ALA B 25 12.68 -4.24 -24.93
C ALA B 25 13.69 -3.49 -25.81
N SER B 26 14.83 -3.11 -25.24
CA SER B 26 15.87 -2.38 -25.97
C SER B 26 16.68 -3.28 -26.94
N GLN B 27 16.52 -4.58 -26.83
CA GLN B 27 17.08 -5.53 -27.81
C GLN B 27 16.06 -6.63 -28.04
N ASP B 28 16.28 -7.48 -29.06
CA ASP B 28 15.40 -8.62 -29.30
C ASP B 28 15.57 -9.66 -28.20
N ILE B 29 14.47 -9.96 -27.52
CA ILE B 29 14.47 -10.94 -26.44
C ILE B 29 13.68 -12.21 -26.80
N GLY B 30 13.35 -12.38 -28.08
CA GLY B 30 12.58 -13.53 -28.54
C GLY B 30 11.26 -13.63 -27.80
N SER B 31 10.96 -14.80 -27.26
CA SER B 31 9.72 -15.03 -26.52
C SER B 31 9.86 -14.93 -25.01
N TYR B 32 11.06 -14.57 -24.55
CA TYR B 32 11.37 -14.57 -23.11
C TYR B 32 10.84 -13.32 -22.42
N LEU B 33 9.53 -13.22 -22.35
CA LEU B 33 8.89 -12.05 -21.74
C LEU B 33 7.75 -12.53 -20.86
N ASN B 34 7.76 -12.08 -19.60
CA ASN B 34 6.77 -12.49 -18.61
C ASN B 34 5.99 -11.31 -18.05
N TRP B 35 4.76 -11.58 -17.62
CA TRP B 35 3.89 -10.58 -17.02
C TRP B 35 3.52 -10.96 -15.59
N TYR B 36 3.73 -10.04 -14.66
CA TYR B 36 3.35 -10.23 -13.25
C TYR B 36 2.33 -9.18 -12.83
N GLN B 37 1.43 -9.58 -11.93
CA GLN B 37 0.45 -8.68 -11.36
C GLN B 37 0.76 -8.52 -9.87
N GLN B 38 0.84 -7.27 -9.41
CA GLN B 38 1.00 -6.98 -8.00
C GLN B 38 -0.25 -6.30 -7.44
N LYS B 39 -0.73 -6.83 -6.30
CA LYS B 39 -1.86 -6.27 -5.58
C LYS B 39 -1.40 -5.26 -4.53
N PRO B 40 -2.33 -4.41 -4.02
CA PRO B 40 -1.97 -3.38 -3.04
C PRO B 40 -1.34 -3.89 -1.74
N ASP B 41 -1.60 -5.16 -1.38
CA ASP B 41 -0.93 -5.74 -0.22
C ASP B 41 0.49 -6.22 -0.54
N GLY B 42 0.92 -5.98 -1.77
CA GLY B 42 2.28 -6.30 -2.20
C GLY B 42 2.46 -7.69 -2.78
N ALA B 43 1.39 -8.48 -2.77
CA ALA B 43 1.43 -9.84 -3.31
C ALA B 43 1.69 -9.86 -4.83
N VAL B 44 2.66 -10.67 -5.25
CA VAL B 44 3.05 -10.75 -6.66
C VAL B 44 2.64 -12.10 -7.24
N ARG B 45 2.04 -12.06 -8.43
CA ARG B 45 1.53 -13.26 -9.08
C ARG B 45 1.94 -13.30 -10.56
N LEU B 46 2.44 -14.45 -11.00
CA LEU B 46 2.72 -14.67 -12.41
C LEU B 46 1.43 -14.90 -13.18
N LEU B 47 1.19 -14.11 -14.22
CA LEU B 47 0.00 -14.29 -15.05
C LEU B 47 0.33 -14.92 -16.39
N ILE B 48 1.37 -14.41 -17.05
CA ILE B 48 1.74 -14.87 -18.39
C ILE B 48 3.24 -15.06 -18.46
N TYR B 49 3.65 -16.22 -18.99
CA TYR B 49 5.07 -16.47 -19.20
C TYR B 49 5.38 -16.86 -20.66
N TYR B 50 6.63 -16.68 -21.05
CA TYR B 50 7.08 -17.00 -22.41
C TYR B 50 6.17 -16.32 -23.45
N THR B 51 5.97 -15.02 -23.25
CA THR B 51 5.17 -14.14 -24.13
C THR B 51 3.64 -14.36 -24.04
N SER B 52 3.20 -15.62 -24.12
CA SER B 52 1.79 -15.88 -24.40
C SER B 52 1.12 -17.02 -23.60
N ARG B 53 1.89 -17.68 -22.74
CA ARG B 53 1.41 -18.84 -21.99
C ARG B 53 0.81 -18.42 -20.65
N LEU B 54 -0.45 -18.80 -20.42
CA LEU B 54 -1.15 -18.47 -19.18
C LEU B 54 -0.69 -19.38 -18.03
N HIS B 55 -0.65 -18.81 -16.82
CA HIS B 55 -0.26 -19.56 -15.63
C HIS B 55 -1.44 -19.95 -14.73
N SER B 56 -1.15 -20.31 -13.47
CA SER B 56 -2.12 -20.96 -12.59
C SER B 56 -3.32 -20.10 -12.20
N GLY B 57 -4.52 -20.59 -12.51
CA GLY B 57 -5.76 -19.89 -12.17
C GLY B 57 -6.00 -18.59 -12.90
N VAL B 58 -5.20 -18.32 -13.94
CA VAL B 58 -5.34 -17.11 -14.76
C VAL B 58 -6.52 -17.26 -15.73
N PRO B 59 -7.50 -16.35 -15.67
CA PRO B 59 -8.71 -16.42 -16.51
C PRO B 59 -8.41 -16.32 -18.01
N SER B 60 -9.28 -16.93 -18.81
CA SER B 60 -9.10 -16.97 -20.28
C SER B 60 -9.21 -15.60 -20.96
N ARG B 61 -9.65 -14.59 -20.20
CA ARG B 61 -9.70 -13.18 -20.66
C ARG B 61 -8.31 -12.63 -20.95
N PHE B 62 -7.30 -13.22 -20.34
CA PHE B 62 -5.92 -12.79 -20.51
C PHE B 62 -5.30 -13.44 -21.74
N SER B 63 -4.58 -12.65 -22.52
CA SER B 63 -3.75 -13.17 -23.61
C SER B 63 -2.49 -12.32 -23.74
N GLY B 64 -1.47 -12.88 -24.40
CA GLY B 64 -0.20 -12.18 -24.56
C GLY B 64 0.28 -12.21 -26.00
N SER B 65 0.92 -11.13 -26.42
CA SER B 65 1.47 -11.02 -27.76
C SER B 65 2.89 -10.45 -27.73
N GLY B 66 3.67 -10.73 -28.77
CA GLY B 66 5.06 -10.30 -28.81
C GLY B 66 5.72 -10.41 -30.17
N SER B 67 6.62 -9.47 -30.46
CA SER B 67 7.37 -9.44 -31.71
C SER B 67 8.84 -9.74 -31.47
N GLY B 68 9.25 -9.76 -30.21
CA GLY B 68 10.65 -9.91 -29.86
C GLY B 68 11.20 -8.62 -29.26
N THR B 69 10.61 -7.49 -29.65
CA THR B 69 10.98 -6.19 -29.09
C THR B 69 9.78 -5.48 -28.48
N HIS B 70 8.58 -5.74 -29.01
CA HIS B 70 7.35 -5.11 -28.51
C HIS B 70 6.37 -6.18 -28.04
N PHE B 71 5.79 -5.95 -26.86
CA PHE B 71 4.95 -6.94 -26.20
C PHE B 71 3.74 -6.28 -25.57
N SER B 72 2.70 -7.06 -25.37
CA SER B 72 1.52 -6.57 -24.68
C SER B 72 0.75 -7.68 -23.98
N LEU B 73 0.17 -7.33 -22.85
CA LEU B 73 -0.77 -8.17 -22.17
C LEU B 73 -2.13 -7.59 -22.51
N THR B 74 -3.07 -8.46 -22.89
CA THR B 74 -4.41 -8.02 -23.25
C THR B 74 -5.46 -8.68 -22.36
N ILE B 75 -6.36 -7.87 -21.80
CA ILE B 75 -7.54 -8.37 -21.12
C ILE B 75 -8.73 -8.14 -22.05
N SER B 76 -9.43 -9.21 -22.42
CA SER B 76 -10.52 -9.13 -23.39
C SER B 76 -11.72 -8.31 -22.89
N ASN B 77 -12.08 -8.54 -21.62
CA ASN B 77 -13.25 -7.95 -20.98
C ASN B 77 -12.90 -7.68 -19.53
N LEU B 78 -12.62 -6.42 -19.21
CA LEU B 78 -12.14 -6.06 -17.87
C LEU B 78 -13.10 -6.45 -16.75
N GLU B 79 -12.56 -7.09 -15.72
CA GLU B 79 -13.34 -7.47 -14.54
C GLU B 79 -12.82 -6.76 -13.31
N GLN B 80 -13.69 -6.67 -12.30
CA GLN B 80 -13.39 -6.01 -11.03
C GLN B 80 -12.08 -6.48 -10.40
N GLU B 81 -11.84 -7.79 -10.46
CA GLU B 81 -10.68 -8.43 -9.84
C GLU B 81 -9.35 -8.10 -10.51
N ASP B 82 -9.40 -7.44 -11.67
CA ASP B 82 -8.20 -7.15 -12.45
C ASP B 82 -7.39 -5.93 -11.97
N ILE B 83 -7.86 -5.26 -10.91
CA ILE B 83 -7.15 -4.09 -10.33
C ILE B 83 -5.74 -4.48 -9.87
N GLY B 84 -4.76 -3.66 -10.22
CA GLY B 84 -3.39 -3.88 -9.75
C GLY B 84 -2.31 -3.28 -10.64
N THR B 85 -1.07 -3.62 -10.35
CA THR B 85 0.04 -3.09 -11.12
C THR B 85 0.70 -4.23 -11.87
N TYR B 86 0.87 -4.03 -13.18
CA TYR B 86 1.34 -5.07 -14.06
C TYR B 86 2.75 -4.77 -14.52
N PHE B 87 3.64 -5.74 -14.32
CA PHE B 87 5.07 -5.61 -14.64
C PHE B 87 5.47 -6.61 -15.71
N CYS B 88 6.28 -6.17 -16.67
CA CYS B 88 6.92 -7.10 -17.59
C CYS B 88 8.33 -7.47 -17.12
N HIS B 89 8.81 -8.62 -17.59
CA HIS B 89 10.08 -9.19 -17.12
C HIS B 89 10.73 -10.01 -18.24
N GLN B 90 11.95 -9.63 -18.62
CA GLN B 90 12.73 -10.45 -19.55
C GLN B 90 13.69 -11.36 -18.79
N ASP B 91 13.71 -12.64 -19.17
CA ASP B 91 14.58 -13.62 -18.53
C ASP B 91 15.43 -14.41 -19.54
N THR B 92 15.90 -13.71 -20.58
CA THR B 92 16.76 -14.32 -21.61
C THR B 92 17.97 -14.99 -20.95
N LYS B 93 18.57 -14.28 -20.00
CA LYS B 93 19.72 -14.73 -19.22
C LYS B 93 20.04 -13.63 -18.19
N PRO B 94 20.81 -13.97 -17.13
CA PRO B 94 21.26 -12.91 -16.22
C PRO B 94 22.03 -11.80 -16.96
N PRO B 95 21.83 -10.52 -16.59
CA PRO B 95 20.93 -10.07 -15.53
C PRO B 95 19.50 -9.86 -16.04
N TYR B 96 18.54 -10.41 -15.30
CA TYR B 96 17.13 -10.21 -15.64
C TYR B 96 16.78 -8.75 -15.40
N THR B 97 15.84 -8.24 -16.18
CA THR B 97 15.38 -6.86 -16.02
C THR B 97 13.85 -6.81 -16.07
N PHE B 98 13.28 -5.74 -15.51
CA PHE B 98 11.84 -5.59 -15.38
C PHE B 98 11.39 -4.25 -15.95
N GLY B 99 10.16 -4.20 -16.44
CA GLY B 99 9.50 -2.93 -16.74
C GLY B 99 9.10 -2.27 -15.43
N SER B 100 8.83 -0.96 -15.48
CA SER B 100 8.56 -0.20 -14.26
C SER B 100 7.12 -0.29 -13.79
N GLY B 101 6.28 -1.00 -14.53
CA GLY B 101 4.91 -1.27 -14.10
C GLY B 101 3.85 -0.35 -14.65
N THR B 102 2.65 -0.90 -14.86
CA THR B 102 1.49 -0.11 -15.28
C THR B 102 0.39 -0.34 -14.24
N LYS B 103 -0.01 0.73 -13.57
CA LYS B 103 -1.06 0.66 -12.56
C LYS B 103 -2.42 0.73 -13.24
N LEU B 104 -3.22 -0.32 -13.06
CA LEU B 104 -4.55 -0.43 -13.69
C LEU B 104 -5.67 -0.08 -12.71
N GLU B 105 -6.42 0.97 -13.06
CA GLU B 105 -7.58 1.44 -12.28
C GLU B 105 -8.87 1.12 -13.04
N ILE B 106 -9.95 0.87 -12.30
CA ILE B 106 -11.26 0.69 -12.91
C ILE B 106 -11.98 2.02 -13.07
N LYS B 107 -12.35 2.34 -14.31
CA LYS B 107 -13.18 3.51 -14.58
C LYS B 107 -14.63 3.18 -14.27
N ARG B 108 -15.23 4.02 -13.44
CA ARG B 108 -16.46 3.74 -12.74
C ARG B 108 -17.45 4.86 -13.04
N ALA B 109 -18.74 4.63 -12.77
CA ALA B 109 -19.73 5.70 -12.82
C ALA B 109 -19.40 6.71 -11.73
N ASP B 110 -19.56 7.99 -12.03
CA ASP B 110 -19.29 9.05 -11.07
C ASP B 110 -20.12 8.90 -9.81
N ALA B 111 -19.48 9.11 -8.65
CA ALA B 111 -20.12 8.99 -7.35
C ALA B 111 -19.70 10.14 -6.43
N ALA B 112 -20.68 10.80 -5.83
CA ALA B 112 -20.42 11.90 -4.90
C ALA B 112 -19.96 11.38 -3.54
N PRO B 113 -19.03 12.09 -2.89
CA PRO B 113 -18.59 11.66 -1.55
C PRO B 113 -19.65 11.88 -0.47
N THR B 114 -19.61 11.05 0.56
CA THR B 114 -20.34 11.32 1.80
C THR B 114 -19.32 11.92 2.77
N VAL B 115 -19.63 13.09 3.32
CA VAL B 115 -18.64 13.83 4.10
C VAL B 115 -18.94 13.84 5.60
N SER B 116 -17.90 13.57 6.39
CA SER B 116 -17.99 13.57 7.84
C SER B 116 -16.90 14.47 8.41
N ILE B 117 -17.22 15.21 9.47
CA ILE B 117 -16.21 16.01 10.17
C ILE B 117 -16.07 15.54 11.62
N PHE B 118 -14.82 15.47 12.08
CA PHE B 118 -14.52 14.97 13.42
C PHE B 118 -13.72 16.00 14.23
N PRO B 119 -14.33 16.57 15.27
CA PRO B 119 -13.57 17.42 16.19
C PRO B 119 -12.48 16.60 16.89
N PRO B 120 -11.46 17.28 17.46
CA PRO B 120 -10.46 16.57 18.26
C PRO B 120 -11.10 15.83 19.43
N SER B 121 -10.49 14.73 19.85
CA SER B 121 -10.95 14.00 21.02
C SER B 121 -10.45 14.70 22.26
N SER B 122 -11.15 14.52 23.37
CA SER B 122 -10.70 15.03 24.66
C SER B 122 -9.33 14.44 25.02
N GLU B 123 -9.10 13.19 24.62
CA GLU B 123 -7.82 12.51 24.86
C GLU B 123 -6.64 13.23 24.22
N GLN B 124 -6.80 13.64 22.97
CA GLN B 124 -5.76 14.40 22.29
C GLN B 124 -5.58 15.78 22.90
N LEU B 125 -6.71 16.48 23.13
CA LEU B 125 -6.71 17.83 23.68
C LEU B 125 -6.00 17.94 25.02
N THR B 126 -6.26 16.98 25.91
CA THR B 126 -5.63 17.00 27.23
C THR B 126 -4.11 16.81 27.14
N SER B 127 -3.63 16.30 26.01
CA SER B 127 -2.19 16.09 25.80
C SER B 127 -1.52 17.25 25.01
N GLY B 128 -2.30 18.26 24.66
CA GLY B 128 -1.77 19.50 24.07
C GLY B 128 -1.95 19.67 22.57
N GLY B 129 -2.38 18.60 21.88
CA GLY B 129 -2.58 18.65 20.43
C GLY B 129 -4.05 18.73 20.06
N ALA B 130 -4.32 19.07 18.80
CA ALA B 130 -5.67 19.09 18.27
C ALA B 130 -5.69 18.82 16.77
N SER B 131 -6.18 17.65 16.39
CA SER B 131 -6.39 17.34 14.98
C SER B 131 -7.86 17.36 14.64
N VAL B 132 -8.18 17.98 13.51
CA VAL B 132 -9.55 18.01 13.00
C VAL B 132 -9.55 17.20 11.70
N VAL B 133 -10.47 16.26 11.59
CA VAL B 133 -10.50 15.35 10.43
C VAL B 133 -11.75 15.55 9.58
N CYS B 134 -11.54 15.74 8.28
CA CYS B 134 -12.61 15.71 7.31
C CYS B 134 -12.48 14.42 6.50
N PHE B 135 -13.53 13.61 6.48
CA PHE B 135 -13.50 12.32 5.79
C PHE B 135 -14.52 12.27 4.66
N LEU B 136 -14.02 11.98 3.46
CA LEU B 136 -14.84 11.94 2.25
C LEU B 136 -14.95 10.49 1.79
N ASN B 137 -16.16 9.96 1.80
CA ASN B 137 -16.34 8.52 1.67
C ASN B 137 -16.99 8.11 0.35
N ASN B 138 -16.35 7.13 -0.31
CA ASN B 138 -16.95 6.38 -1.42
C ASN B 138 -17.34 7.23 -2.62
N PHE B 139 -16.34 7.82 -3.25
CA PHE B 139 -16.55 8.71 -4.37
C PHE B 139 -15.73 8.24 -5.55
N TYR B 140 -16.12 8.71 -6.74
CA TYR B 140 -15.37 8.51 -7.98
C TYR B 140 -15.70 9.68 -8.91
N PRO B 141 -14.69 10.23 -9.62
CA PRO B 141 -13.28 9.83 -9.68
C PRO B 141 -12.42 10.28 -8.49
N LYS B 142 -11.15 9.83 -8.50
CA LYS B 142 -10.23 10.01 -7.38
C LYS B 142 -9.94 11.49 -7.07
N ASP B 143 -9.86 12.30 -8.12
CA ASP B 143 -9.57 13.72 -8.01
C ASP B 143 -10.62 14.41 -7.14
N ILE B 144 -10.16 15.01 -6.04
CA ILE B 144 -11.05 15.67 -5.09
C ILE B 144 -10.28 16.73 -4.30
N ASN B 145 -10.97 17.84 -4.02
CA ASN B 145 -10.37 18.99 -3.37
C ASN B 145 -11.01 19.28 -2.01
N VAL B 146 -10.18 19.44 -0.98
CA VAL B 146 -10.66 19.77 0.36
C VAL B 146 -10.10 21.12 0.80
N LYS B 147 -11.01 22.02 1.19
CA LYS B 147 -10.63 23.33 1.67
C LYS B 147 -11.06 23.50 3.14
N TRP B 148 -10.09 23.89 3.98
CA TRP B 148 -10.36 24.16 5.39
C TRP B 148 -10.59 25.65 5.63
N LYS B 149 -11.59 25.96 6.43
CA LYS B 149 -11.79 27.32 6.93
C LYS B 149 -11.84 27.29 8.45
N ILE B 150 -11.04 28.15 9.08
CA ILE B 150 -11.03 28.31 10.52
C ILE B 150 -11.53 29.71 10.83
N ASP B 151 -12.63 29.79 11.58
CA ASP B 151 -13.31 31.08 11.79
C ASP B 151 -13.48 31.84 10.48
N GLY B 152 -13.89 31.12 9.43
CA GLY B 152 -14.16 31.72 8.12
C GLY B 152 -12.98 31.92 7.19
N SER B 153 -11.76 31.77 7.72
CA SER B 153 -10.55 32.02 6.94
C SER B 153 -9.91 30.73 6.46
N GLU B 154 -9.53 30.70 5.19
CA GLU B 154 -8.85 29.54 4.62
C GLU B 154 -7.55 29.24 5.36
N ARG B 155 -7.32 27.95 5.65
CA ARG B 155 -6.04 27.48 6.15
C ARG B 155 -5.51 26.35 5.30
N GLN B 156 -4.26 26.47 4.87
CA GLN B 156 -3.60 25.46 4.05
C GLN B 156 -2.48 24.76 4.83
N ASN B 157 -1.86 25.49 5.75
CA ASN B 157 -0.77 24.96 6.56
C ASN B 157 -1.22 23.93 7.61
N GLY B 158 -0.42 22.89 7.78
CA GLY B 158 -0.71 21.83 8.75
C GLY B 158 -1.82 20.89 8.30
N VAL B 159 -2.14 20.91 7.01
CA VAL B 159 -3.13 20.00 6.45
C VAL B 159 -2.44 18.82 5.77
N LEU B 160 -2.90 17.60 6.08
CA LEU B 160 -2.38 16.38 5.47
C LEU B 160 -3.50 15.60 4.79
N ASN B 161 -3.35 15.34 3.49
CA ASN B 161 -4.34 14.62 2.69
C ASN B 161 -3.84 13.24 2.29
N SER B 162 -4.72 12.25 2.33
CA SER B 162 -4.37 10.88 1.96
C SER B 162 -5.59 10.10 1.48
N TRP B 163 -5.38 9.24 0.49
CA TRP B 163 -6.44 8.44 -0.12
C TRP B 163 -6.29 6.96 0.23
N THR B 164 -7.40 6.23 0.19
CA THR B 164 -7.38 4.78 0.20
C THR B 164 -7.00 4.30 -1.19
N ASP B 165 -6.67 3.02 -1.31
CA ASP B 165 -6.63 2.37 -2.61
C ASP B 165 -8.06 2.24 -3.14
N GLN B 166 -8.19 2.15 -4.47
CA GLN B 166 -9.49 1.96 -5.08
C GLN B 166 -10.14 0.70 -4.49
N ASP B 167 -11.41 0.83 -4.11
CA ASP B 167 -12.13 -0.27 -3.49
C ASP B 167 -12.21 -1.48 -4.42
N SER B 168 -11.71 -2.61 -3.93
CA SER B 168 -11.62 -3.83 -4.74
C SER B 168 -12.97 -4.37 -5.22
N LYS B 169 -14.05 -4.00 -4.52
CA LYS B 169 -15.40 -4.47 -4.82
C LYS B 169 -16.27 -3.51 -5.66
N ASP B 170 -16.25 -2.21 -5.34
CA ASP B 170 -17.11 -1.26 -6.04
C ASP B 170 -16.38 -0.09 -6.73
N SER B 171 -15.06 -0.09 -6.64
CA SER B 171 -14.19 0.82 -7.39
C SER B 171 -14.18 2.27 -6.93
N THR B 172 -14.77 2.55 -5.77
CA THR B 172 -14.78 3.89 -5.21
C THR B 172 -13.49 4.21 -4.46
N TYR B 173 -13.28 5.48 -4.14
CA TYR B 173 -12.19 5.90 -3.26
C TYR B 173 -12.75 6.57 -2.02
N SER B 174 -11.96 6.57 -0.97
CA SER B 174 -12.23 7.43 0.17
C SER B 174 -10.97 8.18 0.49
N MET B 175 -11.10 9.32 1.18
CA MET B 175 -9.94 10.10 1.57
C MET B 175 -10.22 10.88 2.85
N SER B 176 -9.13 11.18 3.56
CA SER B 176 -9.24 12.05 4.73
C SER B 176 -8.29 13.23 4.60
N SER B 177 -8.73 14.35 5.16
CA SER B 177 -7.91 15.54 5.29
C SER B 177 -7.80 15.84 6.78
N THR B 178 -6.58 15.90 7.27
CA THR B 178 -6.32 16.13 8.69
C THR B 178 -5.66 17.48 8.92
N LEU B 179 -6.34 18.33 9.67
CA LEU B 179 -5.81 19.64 10.05
C LEU B 179 -5.20 19.53 11.45
N THR B 180 -3.89 19.75 11.56
CA THR B 180 -3.20 19.69 12.85
C THR B 180 -2.93 21.08 13.43
N LEU B 181 -3.35 21.28 14.67
CA LEU B 181 -3.15 22.51 15.41
C LEU B 181 -2.71 22.14 16.81
N THR B 182 -2.21 23.11 17.58
CA THR B 182 -2.01 22.91 19.01
C THR B 182 -3.37 23.08 19.68
N LYS B 183 -3.52 22.59 20.92
CA LYS B 183 -4.74 22.84 21.69
C LYS B 183 -5.01 24.33 21.84
N ASP B 184 -3.97 25.10 22.15
CA ASP B 184 -4.11 26.55 22.35
C ASP B 184 -4.55 27.27 21.08
N GLU B 185 -3.97 26.88 19.94
CA GLU B 185 -4.41 27.39 18.63
C GLU B 185 -5.88 27.05 18.40
N TYR B 186 -6.24 25.78 18.65
CA TYR B 186 -7.60 25.27 18.45
C TYR B 186 -8.64 25.98 19.33
N GLU B 187 -8.25 26.28 20.57
CA GLU B 187 -9.14 26.97 21.52
C GLU B 187 -9.24 28.48 21.28
N ARG B 188 -8.40 28.99 20.39
CA ARG B 188 -8.44 30.42 20.02
C ARG B 188 -9.48 30.71 18.94
N HIS B 189 -10.11 29.66 18.41
CA HIS B 189 -11.08 29.80 17.33
C HIS B 189 -12.34 28.98 17.57
N ASN B 190 -13.40 29.29 16.83
CA ASN B 190 -14.71 28.69 17.08
C ASN B 190 -15.22 27.80 15.95
N SER B 191 -15.29 28.33 14.73
CA SER B 191 -15.84 27.61 13.59
C SER B 191 -14.78 26.78 12.86
N TYR B 192 -15.11 25.52 12.61
CA TYR B 192 -14.24 24.62 11.85
C TYR B 192 -15.02 23.99 10.70
N THR B 193 -14.58 24.29 9.49
CA THR B 193 -15.31 23.92 8.27
C THR B 193 -14.39 23.26 7.23
N CYS B 194 -14.85 22.14 6.68
CA CYS B 194 -14.23 21.61 5.47
C CYS B 194 -15.22 21.64 4.32
N GLU B 195 -14.73 22.03 3.15
CA GLU B 195 -15.54 22.10 1.94
C GLU B 195 -14.92 21.16 0.92
N ALA B 196 -15.72 20.20 0.48
CA ALA B 196 -15.28 19.21 -0.50
C ALA B 196 -15.78 19.57 -1.90
N THR B 197 -14.83 19.82 -2.82
CA THR B 197 -15.15 20.09 -4.22
C THR B 197 -14.86 18.86 -5.08
N HIS B 198 -15.91 18.36 -5.73
CA HIS B 198 -15.81 17.16 -6.57
C HIS B 198 -16.58 17.40 -7.86
N LYS B 199 -16.20 16.73 -8.94
CA LYS B 199 -16.82 16.96 -10.25
C LYS B 199 -18.31 16.60 -10.29
N THR B 200 -18.77 15.82 -9.31
CA THR B 200 -20.16 15.40 -9.25
C THR B 200 -21.14 16.54 -8.95
N SER B 201 -20.62 17.64 -8.38
CA SER B 201 -21.43 18.84 -8.16
C SER B 201 -20.59 20.12 -8.29
N THR B 202 -21.23 21.19 -8.74
CA THR B 202 -20.56 22.49 -8.88
C THR B 202 -20.56 23.25 -7.56
N SER B 203 -21.45 22.86 -6.65
CA SER B 203 -21.48 23.40 -5.31
C SER B 203 -20.77 22.44 -4.35
N PRO B 204 -19.87 22.98 -3.50
CA PRO B 204 -19.12 22.18 -2.53
C PRO B 204 -20.03 21.53 -1.49
N ILE B 205 -19.65 20.35 -1.04
CA ILE B 205 -20.29 19.75 0.12
C ILE B 205 -19.58 20.27 1.37
N VAL B 206 -20.35 20.91 2.25
CA VAL B 206 -19.81 21.62 3.40
C VAL B 206 -20.19 20.93 4.70
N LYS B 207 -19.20 20.67 5.55
CA LYS B 207 -19.45 20.20 6.91
C LYS B 207 -18.73 21.09 7.92
N SER B 208 -19.46 21.50 8.95
CA SER B 208 -18.89 22.36 9.98
C SER B 208 -19.28 21.92 11.37
N PHE B 209 -18.49 22.36 12.35
CA PHE B 209 -18.91 22.37 13.74
C PHE B 209 -18.38 23.63 14.42
N ASN B 210 -19.03 24.01 15.52
CA ASN B 210 -18.55 25.09 16.35
C ASN B 210 -17.99 24.52 17.65
N ARG B 211 -16.80 24.97 18.02
CA ARG B 211 -16.12 24.49 19.23
C ARG B 211 -16.94 24.74 20.50
N ASN B 212 -17.83 25.73 20.45
CA ASN B 212 -18.79 25.99 21.52
C ASN B 212 -19.83 24.87 21.69
N GLU B 213 -19.82 23.92 20.75
CA GLU B 213 -20.78 22.81 20.67
C GLU B 213 -22.20 23.30 20.36
N CYS B 214 -22.29 24.46 19.72
CA CYS B 214 -23.56 25.08 19.37
C CYS B 214 -23.43 25.96 18.13
#